data_6AR0
#
_entry.id   6AR0
#
_cell.length_a   42.895
_cell.length_b   51.217
_cell.length_c   56.422
_cell.angle_alpha   90.00
_cell.angle_beta   90.00
_cell.angle_gamma   90.00
#
_symmetry.space_group_name_H-M   'P 21 21 21'
#
loop_
_entity.id
_entity.type
_entity.pdbx_description
1 polymer 'Sarcolemmal membrane-associated protein'
2 water water
#
_entity_poly.entity_id   1
_entity_poly.type   'polypeptide(L)'
_entity_poly.pdbx_seq_one_letter_code
;MPSALAIFTCRPNSHPFQERHVYLDEPIKIGRSVARCRPAQNNATFDCKVLSRNHALVWFDHKTGKFYLQDTKSSNGTFI
NSQRLSRGSEESPPCEILSGDIIQFGVDVTENTRKVTHGCIVSTIKLFLPDGMEARLRSD
;
_entity_poly.pdbx_strand_id   A
#
# COMPACT_ATOMS: atom_id res chain seq x y z
N PRO A 2 3.38 21.60 7.65
CA PRO A 2 3.87 20.72 6.57
C PRO A 2 3.87 19.26 6.97
N SER A 3 3.52 18.42 6.01
CA SER A 3 3.46 16.98 6.23
C SER A 3 3.66 16.31 4.89
N ALA A 4 4.56 15.31 4.82
CA ALA A 4 4.68 14.48 3.62
C ALA A 4 3.37 13.72 3.39
N LEU A 5 3.08 13.44 2.12
CA LEU A 5 1.78 12.94 1.73
C LEU A 5 1.91 11.86 0.67
N ALA A 6 1.16 10.78 0.85
CA ALA A 6 0.94 9.76 -0.17
C ALA A 6 -0.53 9.73 -0.52
N ILE A 7 -0.83 9.90 -1.81
CA ILE A 7 -2.19 9.77 -2.31
C ILE A 7 -2.32 8.43 -3.00
N PHE A 8 -3.27 7.63 -2.55
CA PHE A 8 -3.57 6.31 -3.13
C PHE A 8 -4.85 6.43 -3.94
N THR A 9 -4.79 6.12 -5.24
CA THR A 9 -5.97 6.10 -6.08
C THR A 9 -6.20 4.69 -6.63
N CYS A 10 -7.46 4.31 -6.74
CA CYS A 10 -7.85 2.95 -7.08
C CYS A 10 -7.73 2.70 -8.58
N ARG A 11 -6.96 1.69 -8.98
CA ARG A 11 -6.79 1.33 -10.37
C ARG A 11 -7.95 0.47 -10.87
N PRO A 12 -8.11 0.35 -12.19
CA PRO A 12 -9.29 -0.34 -12.70
C PRO A 12 -9.39 -1.80 -12.33
N ASN A 13 -8.27 -2.48 -12.08
CA ASN A 13 -8.28 -3.88 -11.74
C ASN A 13 -8.22 -4.13 -10.23
N SER A 14 -8.52 -3.11 -9.44
CA SER A 14 -8.49 -3.23 -8.00
C SER A 14 -9.86 -3.58 -7.44
N HIS A 15 -9.85 -4.32 -6.35
CA HIS A 15 -10.99 -4.31 -5.45
C HIS A 15 -11.30 -2.85 -5.09
N PRO A 16 -12.56 -2.44 -5.05
CA PRO A 16 -12.85 -1.01 -4.93
C PRO A 16 -12.42 -0.41 -3.59
N PHE A 17 -11.87 0.80 -3.66
CA PHE A 17 -11.65 1.61 -2.46
C PHE A 17 -11.72 3.07 -2.87
N GLN A 18 -11.97 3.94 -1.90
CA GLN A 18 -12.01 5.37 -2.14
C GLN A 18 -10.63 5.99 -1.91
N GLU A 19 -10.34 7.02 -2.69
CA GLU A 19 -9.03 7.66 -2.69
C GLU A 19 -8.60 8.05 -1.28
N ARG A 20 -7.32 7.80 -0.98
CA ARG A 20 -6.76 8.06 0.35
C ARG A 20 -5.73 9.17 0.26
N HIS A 21 -5.80 10.11 1.22
CA HIS A 21 -4.82 11.17 1.39
C HIS A 21 -4.11 10.87 2.71
N VAL A 22 -2.99 10.16 2.61
CA VAL A 22 -2.33 9.57 3.78
C VAL A 22 -1.10 10.41 4.11
N TYR A 23 -1.16 11.17 5.19
CA TYR A 23 -0.02 11.95 5.64
C TYR A 23 0.97 11.05 6.39
N LEU A 24 2.24 11.30 6.17
CA LEU A 24 3.34 10.43 6.59
C LEU A 24 4.28 11.11 7.57
N ASP A 25 3.73 11.83 8.55
CA ASP A 25 4.57 12.32 9.65
C ASP A 25 5.25 11.17 10.36
N GLU A 26 4.60 10.01 10.41
CA GLU A 26 5.20 8.79 10.93
C GLU A 26 4.76 7.62 10.07
N PRO A 27 5.40 6.47 10.20
CA PRO A 27 5.05 5.33 9.34
C PRO A 27 3.60 4.92 9.54
N ILE A 28 2.97 4.53 8.43
CA ILE A 28 1.56 4.14 8.42
C ILE A 28 1.44 2.66 8.06
N LYS A 29 0.67 1.95 8.86
CA LYS A 29 0.40 0.54 8.60
C LYS A 29 -0.57 0.42 7.43
N ILE A 30 -0.28 -0.53 6.55
CA ILE A 30 -1.20 -1.01 5.52
C ILE A 30 -1.74 -2.34 5.98
N GLY A 31 -3.06 -2.51 5.94
CA GLY A 31 -3.60 -3.77 6.39
C GLY A 31 -5.10 -3.85 6.20
N ARG A 32 -5.63 -5.01 6.53
CA ARG A 32 -7.04 -5.30 6.38
C ARG A 32 -7.87 -4.63 7.47
N SER A 33 -9.07 -4.18 7.09
CA SER A 33 -10.02 -3.64 8.04
C SER A 33 -10.37 -4.67 9.11
N VAL A 34 -10.25 -4.25 10.37
CA VAL A 34 -10.61 -5.07 11.52
C VAL A 34 -11.23 -4.14 12.56
N ALA A 35 -11.84 -4.73 13.59
CA ALA A 35 -12.44 -3.91 14.63
C ALA A 35 -11.39 -2.94 15.17
N ARG A 36 -11.80 -1.69 15.36
CA ARG A 36 -10.97 -0.60 15.86
C ARG A 36 -9.98 -0.06 14.83
N CYS A 37 -9.86 -0.69 13.66
CA CYS A 37 -8.90 -0.24 12.63
C CYS A 37 -9.66 -0.34 11.31
N ARG A 38 -10.47 0.67 11.04
CA ARG A 38 -11.32 0.65 9.86
C ARG A 38 -10.80 1.61 8.81
N PRO A 39 -11.24 1.45 7.56
CA PRO A 39 -10.81 2.37 6.50
C PRO A 39 -11.20 3.81 6.81
N ALA A 40 -10.33 4.73 6.43
CA ALA A 40 -10.61 6.16 6.51
C ALA A 40 -9.77 6.85 5.45
N GLN A 41 -10.16 8.09 5.11
CA GLN A 41 -9.43 8.81 4.07
C GLN A 41 -7.96 8.96 4.41
N ASN A 42 -7.62 9.13 5.68
CA ASN A 42 -6.25 9.41 6.05
C ASN A 42 -5.46 8.15 6.38
N ASN A 43 -5.95 6.96 5.99
CA ASN A 43 -5.19 5.76 6.29
C ASN A 43 -5.15 4.82 5.10
N ALA A 44 -4.38 3.76 5.29
CA ALA A 44 -4.17 2.72 4.29
C ALA A 44 -4.70 1.39 4.81
N THR A 45 -5.86 1.45 5.45
CA THR A 45 -6.59 0.28 5.91
C THR A 45 -7.70 0.00 4.90
N PHE A 46 -7.78 -1.24 4.43
CA PHE A 46 -8.68 -1.59 3.34
C PHE A 46 -9.61 -2.74 3.72
N ASP A 47 -10.88 -2.59 3.40
CA ASP A 47 -11.82 -3.69 3.48
C ASP A 47 -11.59 -4.54 2.24
N CYS A 48 -10.77 -5.58 2.40
CA CYS A 48 -10.34 -6.43 1.30
C CYS A 48 -9.84 -7.73 1.90
N LYS A 49 -10.44 -8.84 1.46
CA LYS A 49 -10.25 -10.12 2.13
C LYS A 49 -8.80 -10.59 2.07
N VAL A 50 -8.11 -10.30 0.98
CA VAL A 50 -6.81 -10.92 0.71
C VAL A 50 -5.67 -10.22 1.42
N LEU A 51 -5.91 -9.11 2.13
CA LEU A 51 -4.87 -8.44 2.89
C LEU A 51 -4.71 -9.08 4.26
N SER A 52 -3.47 -9.07 4.76
CA SER A 52 -3.20 -9.40 6.14
C SER A 52 -3.49 -8.22 7.06
N ARG A 53 -3.69 -8.50 8.34
CA ARG A 53 -3.94 -7.44 9.31
C ARG A 53 -2.76 -6.48 9.37
N ASN A 54 -1.55 -7.02 9.43
CA ASN A 54 -0.31 -6.25 9.42
C ASN A 54 0.40 -6.59 8.11
N HIS A 55 -0.02 -5.93 7.04
CA HIS A 55 0.38 -6.34 5.69
C HIS A 55 1.68 -5.68 5.25
N ALA A 56 1.76 -4.37 5.41
CA ALA A 56 2.92 -3.61 4.95
C ALA A 56 3.00 -2.33 5.77
N LEU A 57 4.07 -1.58 5.53
CA LEU A 57 4.35 -0.33 6.21
C LEU A 57 4.87 0.65 5.18
N VAL A 58 4.38 1.89 5.20
CA VAL A 58 4.82 2.93 4.29
C VAL A 58 5.26 4.14 5.09
N TRP A 59 6.36 4.78 4.64
CA TRP A 59 6.86 5.92 5.39
C TRP A 59 7.67 6.85 4.50
N PHE A 60 7.90 8.04 5.04
CA PHE A 60 8.79 9.03 4.47
C PHE A 60 9.99 9.19 5.38
N ASP A 61 11.19 9.12 4.79
CA ASP A 61 12.44 9.29 5.51
C ASP A 61 12.80 10.76 5.41
N HIS A 62 12.57 11.49 6.51
CA HIS A 62 12.68 12.93 6.52
C HIS A 62 14.12 13.40 6.33
N LYS A 63 15.11 12.53 6.54
CA LYS A 63 16.50 12.92 6.44
C LYS A 63 17.12 12.71 5.07
N THR A 64 16.48 11.94 4.18
CA THR A 64 16.96 11.78 2.82
C THR A 64 15.95 12.19 1.77
N GLY A 65 14.69 12.39 2.14
CA GLY A 65 13.68 12.74 1.16
C GLY A 65 13.14 11.57 0.38
N LYS A 66 13.38 10.34 0.84
CA LYS A 66 12.94 9.15 0.16
C LYS A 66 11.74 8.53 0.87
N PHE A 67 10.88 7.88 0.08
CA PHE A 67 9.71 7.18 0.56
C PHE A 67 9.96 5.67 0.42
N TYR A 68 9.41 4.90 1.35
CA TYR A 68 9.63 3.47 1.36
C TYR A 68 8.36 2.69 1.64
N LEU A 69 8.34 1.47 1.13
CA LEU A 69 7.33 0.47 1.41
C LEU A 69 8.02 -0.82 1.84
N GLN A 70 7.48 -1.47 2.87
CA GLN A 70 8.03 -2.72 3.38
C GLN A 70 6.91 -3.71 3.62
N ASP A 71 7.08 -4.93 3.13
CA ASP A 71 6.13 -6.00 3.41
C ASP A 71 6.45 -6.56 4.80
N THR A 72 5.45 -6.60 5.67
CA THR A 72 5.63 -7.08 7.05
C THR A 72 5.04 -8.48 7.24
N LYS A 73 5.55 -9.43 6.46
CA LYS A 73 5.14 -10.83 6.53
C LYS A 73 3.69 -11.02 6.07
N SER A 74 3.29 -10.34 4.99
CA SER A 74 1.96 -10.54 4.46
C SER A 74 1.83 -11.98 3.96
N SER A 75 0.60 -12.51 4.04
CA SER A 75 0.36 -13.83 3.50
C SER A 75 0.40 -13.83 1.98
N ASN A 76 -0.16 -12.82 1.33
CA ASN A 76 -0.45 -12.88 -0.10
C ASN A 76 0.37 -11.93 -0.96
N GLY A 77 1.23 -11.11 -0.37
CA GLY A 77 2.20 -10.38 -1.16
C GLY A 77 1.98 -8.88 -1.22
N THR A 78 3.06 -8.16 -1.45
CA THR A 78 3.07 -6.74 -1.73
C THR A 78 3.93 -6.54 -2.96
N PHE A 79 3.51 -5.64 -3.86
CA PHE A 79 4.19 -5.48 -5.14
C PHE A 79 4.39 -4.00 -5.45
N ILE A 80 5.57 -3.67 -6.00
CA ILE A 80 5.85 -2.37 -6.61
C ILE A 80 6.03 -2.60 -8.09
N ASN A 81 5.17 -2.00 -8.91
CA ASN A 81 5.22 -2.17 -10.36
C ASN A 81 5.36 -3.64 -10.74
N SER A 82 4.51 -4.44 -10.10
CA SER A 82 4.35 -5.88 -10.36
C SER A 82 5.47 -6.75 -9.82
N GLN A 83 6.40 -6.21 -9.04
CA GLN A 83 7.51 -6.98 -8.48
C GLN A 83 7.25 -7.23 -7.00
N ARG A 84 7.26 -8.50 -6.62
CA ARG A 84 6.89 -8.90 -5.26
C ARG A 84 8.04 -8.62 -4.30
N LEU A 85 7.71 -8.02 -3.15
CA LEU A 85 8.76 -7.60 -2.23
C LEU A 85 9.33 -8.75 -1.40
N SER A 86 8.49 -9.72 -1.01
CA SER A 86 8.94 -10.85 -0.20
C SER A 86 8.04 -12.05 -0.43
N ARG A 87 8.58 -13.22 -0.11
CA ARG A 87 7.79 -14.44 -0.10
C ARG A 87 6.65 -14.34 0.88
N GLY A 88 5.65 -15.20 0.68
CA GLY A 88 4.56 -15.33 1.63
C GLY A 88 5.06 -15.50 3.05
N SER A 89 4.51 -14.71 3.95
CA SER A 89 4.79 -14.77 5.39
C SER A 89 6.23 -14.43 5.72
N GLU A 90 6.92 -13.70 4.85
CA GLU A 90 8.28 -13.22 5.11
C GLU A 90 8.34 -11.71 4.98
N GLU A 91 9.30 -11.11 5.71
CA GLU A 91 9.48 -9.67 5.71
C GLU A 91 10.38 -9.29 4.54
N SER A 92 10.07 -8.15 3.91
CA SER A 92 10.98 -7.61 2.92
C SER A 92 11.89 -6.58 3.54
N PRO A 93 12.99 -6.22 2.88
CA PRO A 93 13.68 -4.99 3.25
C PRO A 93 12.85 -3.78 2.87
N PRO A 94 13.19 -2.60 3.36
CA PRO A 94 12.57 -1.38 2.83
C PRO A 94 12.86 -1.26 1.35
N CYS A 95 11.84 -0.92 0.57
CA CYS A 95 11.94 -0.78 -0.87
C CYS A 95 11.47 0.62 -1.25
N GLU A 96 12.33 1.39 -1.92
CA GLU A 96 11.99 2.76 -2.23
C GLU A 96 10.87 2.83 -3.26
N ILE A 97 9.90 3.71 -3.01
CA ILE A 97 8.80 3.99 -3.91
C ILE A 97 8.94 5.42 -4.45
N LEU A 98 8.50 5.59 -5.70
CA LEU A 98 8.59 6.86 -6.41
C LEU A 98 7.19 7.25 -6.85
N SER A 99 7.01 8.53 -7.10
CA SER A 99 5.69 9.03 -7.44
C SER A 99 5.27 8.50 -8.81
N GLY A 100 4.08 7.90 -8.87
CA GLY A 100 3.60 7.23 -10.07
C GLY A 100 3.69 5.72 -10.05
N ASP A 101 4.28 5.15 -9.01
CA ASP A 101 4.32 3.70 -8.91
C ASP A 101 2.91 3.12 -8.77
N ILE A 102 2.79 1.89 -9.24
CA ILE A 102 1.59 1.09 -9.05
C ILE A 102 1.89 0.10 -7.93
N ILE A 103 1.16 0.19 -6.83
CA ILE A 103 1.41 -0.59 -5.62
C ILE A 103 0.24 -1.54 -5.43
N GLN A 104 0.53 -2.81 -5.14
CA GLN A 104 -0.49 -3.83 -5.00
C GLN A 104 -0.32 -4.56 -3.69
N PHE A 105 -1.44 -4.78 -2.99
CA PHE A 105 -1.47 -5.55 -1.76
C PHE A 105 -2.38 -6.75 -1.98
N GLY A 106 -1.81 -7.94 -1.80
CA GLY A 106 -2.51 -9.17 -2.09
C GLY A 106 -2.47 -9.50 -3.57
N VAL A 107 -3.17 -10.59 -3.92
CA VAL A 107 -3.42 -11.00 -5.29
C VAL A 107 -4.89 -11.41 -5.37
N ASP A 108 -5.44 -11.43 -6.58
CA ASP A 108 -6.78 -11.99 -6.75
C ASP A 108 -6.76 -13.46 -6.36
N VAL A 109 -7.80 -13.90 -5.67
CA VAL A 109 -7.88 -15.28 -5.19
C VAL A 109 -9.22 -15.85 -5.64
N THR A 110 -9.20 -16.92 -6.45
CA THR A 110 -10.41 -17.70 -6.72
C THR A 110 -10.43 -18.84 -5.71
N GLU A 111 -11.49 -18.91 -4.90
CA GLU A 111 -11.54 -19.89 -3.83
C GLU A 111 -11.44 -21.31 -4.41
N ASN A 112 -10.81 -22.20 -3.63
CA ASN A 112 -10.71 -23.59 -4.06
C ASN A 112 -11.99 -24.38 -3.79
N THR A 113 -12.83 -23.89 -2.89
CA THR A 113 -14.01 -24.60 -2.44
C THR A 113 -15.31 -24.07 -3.05
N ARG A 114 -15.27 -22.98 -3.80
CA ARG A 114 -16.46 -22.41 -4.41
C ARG A 114 -16.03 -21.48 -5.53
N LYS A 115 -16.97 -21.18 -6.42
CA LYS A 115 -16.71 -20.29 -7.55
C LYS A 115 -16.98 -18.84 -7.12
N VAL A 116 -16.01 -18.28 -6.39
CA VAL A 116 -15.98 -16.85 -6.06
C VAL A 116 -14.53 -16.39 -6.20
N THR A 117 -14.35 -15.20 -6.77
CA THR A 117 -13.04 -14.59 -6.91
C THR A 117 -13.00 -13.30 -6.11
N HIS A 118 -12.00 -13.17 -5.24
CA HIS A 118 -11.81 -11.99 -4.41
C HIS A 118 -10.68 -11.14 -4.95
N GLY A 119 -10.95 -9.87 -5.10
CA GLY A 119 -9.96 -8.97 -5.64
C GLY A 119 -8.94 -8.50 -4.58
N CYS A 120 -7.89 -7.86 -5.08
CA CYS A 120 -6.81 -7.31 -4.26
C CYS A 120 -6.76 -5.80 -4.43
N ILE A 121 -5.93 -5.13 -3.63
CA ILE A 121 -5.83 -3.68 -3.72
C ILE A 121 -4.73 -3.35 -4.73
N VAL A 122 -5.08 -2.59 -5.77
CA VAL A 122 -4.14 -2.13 -6.79
C VAL A 122 -4.30 -0.62 -6.87
N SER A 123 -3.23 0.11 -6.59
CA SER A 123 -3.32 1.56 -6.42
C SER A 123 -2.21 2.26 -7.19
N THR A 124 -2.51 3.43 -7.71
CA THR A 124 -1.44 4.36 -8.05
C THR A 124 -1.10 5.13 -6.79
N ILE A 125 0.18 5.38 -6.57
CA ILE A 125 0.61 6.20 -5.43
C ILE A 125 1.32 7.44 -5.98
N LYS A 126 0.91 8.60 -5.50
CA LYS A 126 1.57 9.88 -5.79
C LYS A 126 2.12 10.42 -4.48
N LEU A 127 3.34 10.92 -4.51
CA LEU A 127 4.09 11.19 -3.31
C LEU A 127 4.58 12.63 -3.31
N PHE A 128 4.43 13.29 -2.16
CA PHE A 128 4.75 14.71 -2.02
C PHE A 128 5.57 14.94 -0.76
N LEU A 129 6.64 15.72 -0.92
CA LEU A 129 7.48 16.11 0.18
C LEU A 129 6.71 17.02 1.14
N PRO A 130 7.21 17.19 2.36
CA PRO A 130 6.48 18.05 3.32
C PRO A 130 6.24 19.45 2.81
N ASP A 131 7.15 19.99 1.99
CA ASP A 131 6.96 21.34 1.48
C ASP A 131 5.95 21.40 0.33
N GLY A 132 5.41 20.27 -0.09
CA GLY A 132 4.39 20.21 -1.12
C GLY A 132 4.92 19.80 -2.49
N MET A 133 6.23 19.88 -2.72
CA MET A 133 6.76 19.48 -4.02
C MET A 133 6.60 17.98 -4.21
N GLU A 134 6.30 17.57 -5.45
CA GLU A 134 6.21 16.15 -5.74
C GLU A 134 7.58 15.52 -5.58
N ALA A 135 7.59 14.29 -5.06
CA ALA A 135 8.82 13.52 -4.85
C ALA A 135 9.40 13.08 -6.19
N ARG A 136 10.55 12.41 -6.13
CA ARG A 136 11.16 11.86 -7.33
C ARG A 136 10.12 11.01 -8.08
N LEU A 137 10.05 11.22 -9.39
CA LEU A 137 9.13 10.52 -10.27
C LEU A 137 9.67 9.19 -10.77
N ARG A 138 8.77 8.21 -10.83
CA ARG A 138 9.04 6.97 -11.52
C ARG A 138 9.41 7.25 -12.97
N SER A 139 10.42 6.54 -13.47
CA SER A 139 10.85 6.65 -14.85
C SER A 139 10.96 5.25 -15.46
#